data_3S7S
#
_entry.id   3S7S
#
_cell.length_a   140.626
_cell.length_b   140.626
_cell.length_c   119.024
_cell.angle_alpha   90.00
_cell.angle_beta   90.00
_cell.angle_gamma   120.00
#
_symmetry.space_group_name_H-M   'P 32 2 1'
#
loop_
_entity.id
_entity.type
_entity.pdbx_description
1 polymer 'Cytochrome P450 19A1'
2 non-polymer 'PROTOPORPHYRIN IX CONTAINING FE'
3 non-polymer (8alpha,10alpha,13alpha)-6-methylideneandrosta-1,4-diene-3,17-dione
#
_entity_poly.entity_id   1
_entity_poly.type   'polypeptide(L)'
_entity_poly.pdbx_seq_one_letter_code
;MVLEMLNPIHYNITSIVPEAMPAATMPVLLLTGLFLLVWNYEGTSSIPGPGYCMGIGPLISHGRFLWMGIGSACNYYNRV
YGEFMRVWISGEETLIISKSSSMFHIMKHNHYSSRFGSKLGLQCIGMHEKGIIFNNNPELWKTTRPFFMKALSGPGLVRM
VTVCAESLKTHLDRLEEVTNESGYVDVLTLLRRVMLDTSNTLFLRIPLDESAIVVKIQGYFDAWQALLIKPDIFFKISWL
YKKYEKSVKDLKDAIEVLIAEKRRRISTEEKLEECMDFATELILAEKRGDLTRENVNQCILEMLIAAPDTMSVSLFFMLF
LIAKHPNVEEAIIKEIQTVIGERDIKIDDIQKLKVMENFIYESMRYQPVVDLVMRKALEDDVIDGYPVKKGTNIILNIGR
MHRLEFFPKPNEFTLENFAKNVPYRYFQPFGFGPRGCAGKYIAMVMMKAILVTLLRRFHVKTLQGQCVESIQKIHDLSLH
PDETKNMLEMIFTPRNSDRCLEH
;
_entity_poly.pdbx_strand_id   A
#
loop_
_chem_comp.id
_chem_comp.type
_chem_comp.name
_chem_comp.formula
EXM non-polymer (8alpha,10alpha,13alpha)-6-methylideneandrosta-1,4-diene-3,17-dione 'C20 H24 O2'
HEM non-polymer 'PROTOPORPHYRIN IX CONTAINING FE' 'C34 H32 Fe N4 O4'
#
# COMPACT_ATOMS: atom_id res chain seq x y z
N SER A 45 -7.27 33.64 8.10
CA SER A 45 -6.50 32.67 8.91
C SER A 45 -5.03 32.58 8.48
N SER A 46 -4.13 32.78 9.46
CA SER A 46 -2.69 32.55 9.30
C SER A 46 -2.39 31.07 9.56
N ILE A 47 -1.15 30.65 9.29
CA ILE A 47 -0.81 29.23 9.38
C ILE A 47 -0.29 28.80 10.77
N PRO A 48 -0.96 27.81 11.41
CA PRO A 48 -0.50 27.29 12.70
C PRO A 48 0.77 26.44 12.55
N GLY A 49 1.41 26.10 13.67
CA GLY A 49 2.66 25.33 13.64
C GLY A 49 3.74 25.91 14.52
N PRO A 50 4.87 25.19 14.69
CA PRO A 50 5.94 25.63 15.58
C PRO A 50 6.57 26.93 15.12
N GLY A 51 7.32 27.57 16.02
CA GLY A 51 8.04 28.78 15.69
C GLY A 51 9.13 28.48 14.67
N TYR A 52 9.26 29.38 13.71
CA TYR A 52 10.42 29.41 12.85
C TYR A 52 11.52 30.10 13.66
N CYS A 53 12.38 29.30 14.27
CA CYS A 53 13.43 29.85 15.14
C CYS A 53 14.60 30.40 14.32
N MET A 54 14.27 31.35 13.45
CA MET A 54 15.25 32.04 12.61
C MET A 54 16.20 31.03 11.93
N GLY A 55 15.61 29.98 11.35
CA GLY A 55 16.37 28.92 10.69
C GLY A 55 16.61 27.71 11.57
N ILE A 56 15.90 27.63 12.70
CA ILE A 56 15.95 26.44 13.57
C ILE A 56 14.61 25.72 13.56
N GLY A 57 13.54 26.46 13.24
CA GLY A 57 12.23 25.85 12.96
C GLY A 57 12.36 24.58 12.14
N PRO A 58 12.90 24.70 10.90
CA PRO A 58 13.14 23.56 10.00
C PRO A 58 13.92 22.41 10.62
N LEU A 59 15.06 22.72 11.25
CA LEU A 59 15.97 21.69 11.72
C LEU A 59 15.38 20.79 12.80
N ILE A 60 14.64 21.37 13.75
CA ILE A 60 14.02 20.54 14.79
C ILE A 60 12.98 19.60 14.20
N SER A 61 12.15 20.11 13.29
CA SER A 61 11.04 19.34 12.72
C SER A 61 11.50 18.23 11.78
N HIS A 62 12.42 18.55 10.89
CA HIS A 62 13.02 17.54 10.03
C HIS A 62 13.67 16.44 10.88
N GLY A 63 14.38 16.85 11.93
CA GLY A 63 14.97 15.90 12.86
C GLY A 63 13.91 15.04 13.54
N ARG A 64 12.85 15.69 14.01
CA ARG A 64 11.72 15.01 14.66
C ARG A 64 11.14 13.91 13.76
N PHE A 65 11.05 14.22 12.46
CA PHE A 65 10.57 13.26 11.47
C PHE A 65 11.49 12.05 11.32
N LEU A 66 12.80 12.30 11.25
CA LEU A 66 13.77 11.22 11.12
C LEU A 66 13.83 10.35 12.37
N TRP A 67 13.81 10.99 13.53
CA TRP A 67 13.91 10.27 14.80
C TRP A 67 12.60 9.53 15.14
N MET A 68 11.47 10.20 14.96
CA MET A 68 10.17 9.59 15.28
C MET A 68 9.67 8.60 14.24
N GLY A 69 9.77 8.99 12.96
CA GLY A 69 9.12 8.24 11.88
C GLY A 69 8.02 9.11 11.30
N ILE A 70 7.91 9.13 9.97
CA ILE A 70 7.00 10.06 9.28
C ILE A 70 5.59 10.00 9.85
N GLY A 71 5.10 8.79 10.06
CA GLY A 71 3.76 8.57 10.59
C GLY A 71 3.55 9.18 11.97
N SER A 72 4.35 8.74 12.94
CA SER A 72 4.19 9.22 14.31
C SER A 72 4.65 10.66 14.52
N ALA A 73 5.37 11.23 13.55
CA ALA A 73 5.68 12.66 13.61
C ALA A 73 4.46 13.48 13.25
N CYS A 74 3.73 13.03 12.23
CA CYS A 74 2.48 13.68 11.81
C CYS A 74 1.45 13.63 12.90
N ASN A 75 1.29 12.45 13.49
CA ASN A 75 0.35 12.29 14.58
C ASN A 75 0.69 13.16 15.77
N TYR A 76 1.98 13.31 16.04
CA TYR A 76 2.44 14.19 17.11
C TYR A 76 2.11 15.65 16.82
N TYR A 77 2.54 16.16 15.67
CA TYR A 77 2.35 17.56 15.32
C TYR A 77 0.88 17.97 15.21
N ASN A 78 0.05 17.04 14.75
CA ASN A 78 -1.39 17.28 14.66
C ASN A 78 -2.06 17.34 16.03
N ARG A 79 -1.49 16.61 16.98
CA ARG A 79 -2.02 16.52 18.33
C ARG A 79 -1.65 17.79 19.10
N VAL A 80 -0.40 18.21 18.97
CA VAL A 80 0.10 19.45 19.60
C VAL A 80 -0.62 20.68 19.03
N TYR A 81 -0.44 20.93 17.74
CA TYR A 81 -1.07 22.08 17.08
C TYR A 81 -2.44 21.72 16.54
N GLY A 82 -2.86 22.36 15.46
CA GLY A 82 -4.16 22.07 14.87
C GLY A 82 -4.21 20.79 14.03
N GLU A 83 -5.40 20.49 13.52
CA GLU A 83 -5.59 19.41 12.56
C GLU A 83 -5.16 19.88 11.16
N PHE A 84 -4.43 20.99 11.13
CA PHE A 84 -3.98 21.64 9.91
C PHE A 84 -2.84 22.54 10.36
N MET A 85 -1.62 22.24 9.91
CA MET A 85 -0.44 22.98 10.38
C MET A 85 0.77 22.85 9.48
N ARG A 86 1.81 23.65 9.75
CA ARG A 86 2.98 23.75 8.88
C ARG A 86 4.21 23.19 9.57
N VAL A 87 5.11 22.62 8.78
CA VAL A 87 6.37 22.05 9.25
C VAL A 87 7.40 22.24 8.12
N TRP A 88 8.65 21.84 8.36
CA TRP A 88 9.65 21.86 7.30
C TRP A 88 10.39 20.52 7.19
N ILE A 89 10.08 19.77 6.14
CA ILE A 89 10.92 18.65 5.72
C ILE A 89 11.84 19.24 4.66
N SER A 90 13.14 19.06 4.88
CA SER A 90 14.19 19.83 4.21
C SER A 90 13.94 21.33 4.37
N GLY A 91 14.25 22.09 3.31
CA GLY A 91 13.97 23.51 3.33
C GLY A 91 12.47 23.76 3.26
N GLU A 92 11.83 23.18 2.24
CA GLU A 92 10.45 23.48 1.84
C GLU A 92 9.41 23.33 2.94
N GLU A 93 8.51 24.30 2.99
CA GLU A 93 7.34 24.26 3.86
C GLU A 93 6.53 23.04 3.50
N THR A 94 6.11 22.30 4.53
CA THR A 94 5.23 21.17 4.32
C THR A 94 4.08 21.15 5.31
N LEU A 95 2.88 20.93 4.80
CA LEU A 95 1.67 20.96 5.60
C LEU A 95 1.24 19.58 5.98
N ILE A 96 0.88 19.40 7.25
CA ILE A 96 0.25 18.15 7.66
C ILE A 96 -1.22 18.42 8.07
N ILE A 97 -2.14 17.70 7.43
CA ILE A 97 -3.57 18.00 7.46
C ILE A 97 -4.40 16.76 7.71
N SER A 98 -5.25 16.80 8.73
CA SER A 98 -6.20 15.71 8.96
C SER A 98 -7.66 16.10 8.65
N LYS A 99 -7.91 17.39 8.44
CA LYS A 99 -9.27 17.88 8.17
C LYS A 99 -9.89 17.24 6.93
N SER A 100 -11.03 16.58 7.09
CA SER A 100 -11.70 15.91 5.99
C SER A 100 -12.04 16.83 4.82
N SER A 101 -12.37 18.08 5.15
CA SER A 101 -12.71 19.10 4.15
C SER A 101 -11.51 19.43 3.27
N SER A 102 -10.36 19.64 3.90
CA SER A 102 -9.12 19.88 3.19
C SER A 102 -8.65 18.65 2.43
N MET A 103 -8.77 17.49 3.07
CA MET A 103 -8.47 16.22 2.43
C MET A 103 -9.23 16.13 1.13
N PHE A 104 -10.53 16.39 1.17
CA PHE A 104 -11.37 16.22 0.00
C PHE A 104 -10.98 17.15 -1.14
N HIS A 105 -10.77 18.42 -0.80
CA HIS A 105 -10.35 19.44 -1.76
C HIS A 105 -9.12 18.96 -2.52
N ILE A 106 -8.13 18.50 -1.77
CA ILE A 106 -6.82 18.18 -2.31
C ILE A 106 -6.83 17.02 -3.32
N MET A 107 -7.43 15.89 -2.95
CA MET A 107 -7.41 14.70 -3.79
C MET A 107 -8.30 14.85 -5.02
N LYS A 108 -9.20 15.83 -4.95
CA LYS A 108 -10.21 16.10 -5.98
C LYS A 108 -9.62 16.91 -7.15
N HIS A 109 -9.00 18.04 -6.82
CA HIS A 109 -8.47 18.94 -7.84
C HIS A 109 -7.23 18.39 -8.53
N ASN A 110 -7.05 18.78 -9.79
CA ASN A 110 -5.94 18.31 -10.62
C ASN A 110 -4.57 18.93 -10.30
N HIS A 111 -4.56 20.02 -9.57
CA HIS A 111 -3.30 20.69 -9.26
C HIS A 111 -2.65 20.18 -7.97
N TYR A 112 -3.09 19.00 -7.53
CA TYR A 112 -2.42 18.30 -6.43
C TYR A 112 -1.93 16.90 -6.84
N SER A 113 -2.03 16.60 -8.13
CA SER A 113 -1.58 15.34 -8.69
C SER A 113 -0.03 15.21 -8.70
N SER A 114 0.61 15.56 -7.60
CA SER A 114 2.04 15.30 -7.42
C SER A 114 2.30 14.82 -6.01
N ARG A 115 3.44 14.17 -5.82
CA ARG A 115 3.92 13.85 -4.47
C ARG A 115 5.21 14.63 -4.25
N PHE A 116 5.97 14.26 -3.22
CA PHE A 116 7.24 14.90 -2.98
C PHE A 116 8.23 13.95 -2.35
N GLY A 117 9.42 14.45 -2.04
CA GLY A 117 10.46 13.66 -1.37
C GLY A 117 11.83 13.89 -1.97
N SER A 118 12.87 13.62 -1.19
CA SER A 118 14.26 13.76 -1.64
C SER A 118 14.47 13.27 -3.07
N LYS A 119 14.89 14.18 -3.95
CA LYS A 119 15.25 13.83 -5.31
C LYS A 119 16.34 12.74 -5.36
N LEU A 120 17.30 12.82 -4.45
CA LEU A 120 18.44 11.90 -4.43
C LEU A 120 18.03 10.53 -3.88
N GLY A 121 17.07 10.55 -2.96
CA GLY A 121 16.50 9.32 -2.41
C GLY A 121 15.66 8.60 -3.45
N LEU A 122 14.95 9.38 -4.24
CA LEU A 122 14.10 8.84 -5.29
C LEU A 122 14.95 8.34 -6.43
N GLN A 123 16.00 9.08 -6.77
CA GLN A 123 16.93 8.66 -7.82
C GLN A 123 17.60 7.36 -7.43
N CYS A 124 17.82 7.20 -6.13
CA CYS A 124 18.50 6.03 -5.61
C CYS A 124 17.68 4.78 -5.81
N ILE A 125 16.38 4.87 -5.52
CA ILE A 125 15.47 3.73 -5.66
C ILE A 125 14.85 3.62 -7.06
N GLY A 126 15.05 4.65 -7.88
CA GLY A 126 14.61 4.63 -9.28
C GLY A 126 13.19 5.08 -9.51
N MET A 127 12.65 5.86 -8.57
CA MET A 127 11.31 6.41 -8.69
C MET A 127 11.33 7.89 -9.05
N HIS A 128 12.52 8.47 -9.21
CA HIS A 128 12.64 9.84 -9.65
C HIS A 128 12.23 9.93 -11.12
N GLU A 129 11.07 10.56 -11.35
CA GLU A 129 10.47 10.71 -12.67
C GLU A 129 10.42 9.43 -13.50
N LYS A 130 10.09 8.30 -12.85
CA LYS A 130 10.10 7.02 -13.55
C LYS A 130 8.91 6.10 -13.31
N GLY A 131 8.40 6.01 -12.10
CA GLY A 131 7.34 5.03 -11.88
C GLY A 131 5.99 5.62 -12.19
N ILE A 132 5.02 5.30 -11.34
CA ILE A 132 3.98 6.27 -11.05
C ILE A 132 3.96 6.61 -9.57
N ILE A 133 4.23 5.63 -8.71
CA ILE A 133 3.99 5.81 -7.27
C ILE A 133 4.53 7.15 -6.77
N PHE A 134 5.82 7.40 -7.02
CA PHE A 134 6.43 8.67 -6.65
C PHE A 134 7.01 9.41 -7.85
N ASN A 135 6.45 9.12 -9.02
CA ASN A 135 6.73 9.91 -10.22
C ASN A 135 6.09 11.28 -10.09
N ASN A 136 6.94 12.30 -9.99
CA ASN A 136 6.48 13.65 -9.67
C ASN A 136 6.46 14.59 -10.86
N ASN A 137 6.91 14.08 -12.01
CA ASN A 137 6.82 14.79 -13.27
C ASN A 137 5.39 14.70 -13.80
N PRO A 138 4.66 15.83 -13.80
CA PRO A 138 3.23 15.86 -14.15
C PRO A 138 2.91 15.19 -15.48
N GLU A 139 3.72 15.44 -16.50
CA GLU A 139 3.46 14.92 -17.84
C GLU A 139 3.77 13.44 -17.94
N LEU A 140 4.91 13.03 -17.39
CA LEU A 140 5.35 11.64 -17.47
C LEU A 140 4.46 10.72 -16.65
N TRP A 141 4.05 11.21 -15.49
CA TRP A 141 3.05 10.53 -14.67
C TRP A 141 1.74 10.39 -15.45
N LYS A 142 1.27 11.50 -16.03
CA LYS A 142 0.02 11.54 -16.79
C LYS A 142 -0.03 10.48 -17.88
N THR A 143 1.10 10.22 -18.53
CA THR A 143 1.13 9.29 -19.66
C THR A 143 1.38 7.83 -19.26
N THR A 144 1.85 7.62 -18.04
CA THR A 144 2.13 6.26 -17.56
C THR A 144 0.93 5.67 -16.85
N ARG A 145 0.31 6.47 -15.99
CA ARG A 145 -0.80 6.01 -15.18
C ARG A 145 -1.83 5.19 -15.99
N PRO A 146 -2.30 5.71 -17.15
CA PRO A 146 -3.20 4.93 -18.01
C PRO A 146 -2.92 3.42 -18.04
N PHE A 147 -1.65 3.03 -18.22
CA PHE A 147 -1.26 1.62 -18.26
C PHE A 147 -1.63 0.89 -16.99
N PHE A 148 -1.27 1.46 -15.84
CA PHE A 148 -1.66 0.88 -14.56
C PHE A 148 -3.17 0.80 -14.48
N MET A 149 -3.85 1.91 -14.76
CA MET A 149 -5.30 2.00 -14.64
C MET A 149 -6.05 0.95 -15.46
N LYS A 150 -5.57 0.68 -16.68
CA LYS A 150 -6.19 -0.31 -17.54
C LYS A 150 -6.05 -1.72 -16.99
N ALA A 151 -4.85 -2.08 -16.56
CA ALA A 151 -4.53 -3.44 -16.11
C ALA A 151 -5.17 -3.81 -14.79
N LEU A 152 -5.56 -2.80 -14.01
CA LEU A 152 -6.12 -2.98 -12.68
C LEU A 152 -7.66 -2.88 -12.62
N SER A 153 -8.31 -2.99 -13.78
CA SER A 153 -9.78 -2.89 -13.89
C SER A 153 -10.32 -3.62 -15.14
N GLY A 154 -11.65 -3.74 -15.20
CA GLY A 154 -12.32 -4.42 -16.32
C GLY A 154 -11.97 -5.89 -16.36
N PRO A 155 -11.51 -6.40 -17.51
CA PRO A 155 -11.29 -7.85 -17.69
C PRO A 155 -10.30 -8.46 -16.68
N GLY A 156 -9.26 -7.69 -16.34
CA GLY A 156 -8.22 -8.13 -15.41
C GLY A 156 -8.71 -8.30 -13.98
N LEU A 157 -9.60 -7.41 -13.55
CA LEU A 157 -10.19 -7.49 -12.22
C LEU A 157 -11.11 -8.71 -12.09
N VAL A 158 -11.46 -9.33 -13.20
CA VAL A 158 -12.29 -10.52 -13.18
C VAL A 158 -11.43 -11.79 -13.10
N ARG A 159 -10.30 -11.81 -13.81
CA ARG A 159 -9.32 -12.89 -13.71
C ARG A 159 -8.76 -12.95 -12.28
N MET A 160 -8.47 -11.77 -11.74
CA MET A 160 -7.84 -11.63 -10.44
C MET A 160 -8.58 -12.33 -9.32
N VAL A 161 -9.91 -12.34 -9.36
CA VAL A 161 -10.68 -12.95 -8.28
C VAL A 161 -10.44 -14.45 -8.20
N THR A 162 -10.18 -15.07 -9.34
CA THR A 162 -9.88 -16.49 -9.35
C THR A 162 -8.38 -16.77 -9.28
N VAL A 163 -7.58 -15.94 -9.96
CA VAL A 163 -6.12 -16.02 -9.90
C VAL A 163 -5.62 -15.98 -8.44
N CYS A 164 -6.25 -15.11 -7.65
CA CYS A 164 -6.04 -15.01 -6.21
C CYS A 164 -6.36 -16.28 -5.46
N ALA A 165 -7.60 -16.76 -5.61
CA ALA A 165 -8.05 -17.94 -4.89
C ALA A 165 -7.14 -19.12 -5.18
N GLU A 166 -6.79 -19.34 -6.44
CA GLU A 166 -5.95 -20.47 -6.81
C GLU A 166 -4.55 -20.34 -6.20
N SER A 167 -3.94 -19.17 -6.37
CA SER A 167 -2.61 -18.89 -5.83
C SER A 167 -2.55 -19.18 -4.34
N LEU A 168 -3.57 -18.76 -3.60
CA LEU A 168 -3.63 -19.05 -2.18
C LEU A 168 -3.84 -20.53 -1.88
N LYS A 169 -4.70 -21.20 -2.65
CA LYS A 169 -4.94 -22.64 -2.49
C LYS A 169 -3.65 -23.43 -2.63
N THR A 170 -2.86 -23.10 -3.65
CA THR A 170 -1.53 -23.66 -3.84
C THR A 170 -0.72 -23.58 -2.56
N HIS A 171 -0.67 -22.38 -2.00
CA HIS A 171 0.19 -22.11 -0.84
C HIS A 171 -0.36 -22.69 0.45
N LEU A 172 -1.66 -22.91 0.52
CA LEU A 172 -2.26 -23.53 1.70
C LEU A 172 -2.07 -25.04 1.69
N ASP A 173 -1.79 -25.60 0.52
CA ASP A 173 -1.47 -27.03 0.40
C ASP A 173 0.02 -27.28 0.61
N ARG A 174 0.74 -26.19 0.84
CA ARG A 174 2.17 -26.23 1.08
C ARG A 174 2.51 -25.47 2.36
N LEU A 175 1.75 -25.72 3.43
CA LEU A 175 1.98 -25.05 4.70
C LEU A 175 3.31 -25.40 5.36
N GLU A 176 3.89 -26.52 4.91
CA GLU A 176 5.19 -26.96 5.40
C GLU A 176 6.26 -25.91 5.17
N GLU A 177 5.96 -24.98 4.26
CA GLU A 177 6.91 -23.96 3.81
C GLU A 177 6.99 -22.77 4.75
N VAL A 178 6.08 -22.74 5.72
CA VAL A 178 5.84 -21.55 6.50
C VAL A 178 5.46 -21.90 7.96
N THR A 179 5.29 -23.18 8.23
CA THR A 179 4.89 -23.60 9.58
C THR A 179 6.04 -24.13 10.44
N ASN A 180 6.02 -23.67 11.70
CA ASN A 180 6.92 -24.08 12.77
C ASN A 180 6.73 -25.55 13.17
N GLU A 181 7.66 -26.05 13.97
CA GLU A 181 7.49 -27.35 14.64
C GLU A 181 6.31 -27.34 15.62
N SER A 182 6.09 -26.21 16.31
CA SER A 182 4.93 -26.11 17.20
C SER A 182 3.70 -25.53 16.47
N GLY A 183 3.69 -25.67 15.15
CA GLY A 183 2.56 -25.27 14.32
C GLY A 183 2.35 -23.77 14.13
N TYR A 184 3.39 -22.98 14.40
CA TYR A 184 3.30 -21.54 14.23
C TYR A 184 3.53 -21.15 12.77
N VAL A 185 2.53 -20.51 12.17
CA VAL A 185 2.67 -20.07 10.77
C VAL A 185 3.17 -18.64 10.68
N ASP A 186 4.09 -18.44 9.76
CA ASP A 186 4.60 -17.13 9.42
C ASP A 186 3.62 -16.51 8.43
N VAL A 187 2.57 -15.89 8.96
CA VAL A 187 1.52 -15.32 8.12
C VAL A 187 2.10 -14.30 7.13
N LEU A 188 2.76 -13.26 7.65
CA LEU A 188 3.44 -12.25 6.83
C LEU A 188 4.11 -12.82 5.58
N THR A 189 4.95 -13.83 5.75
CA THR A 189 5.66 -14.41 4.60
C THR A 189 4.71 -15.12 3.66
N LEU A 190 3.88 -16.01 4.19
CA LEU A 190 2.89 -16.69 3.36
C LEU A 190 2.17 -15.68 2.47
N LEU A 191 1.64 -14.63 3.10
CA LEU A 191 0.86 -13.60 2.41
C LEU A 191 1.67 -12.93 1.32
N ARG A 192 2.87 -12.49 1.67
CA ARG A 192 3.74 -11.83 0.71
C ARG A 192 3.98 -12.69 -0.50
N ARG A 193 4.09 -13.99 -0.28
CA ARG A 193 4.36 -14.95 -1.35
C ARG A 193 3.17 -15.14 -2.30
N VAL A 194 1.96 -15.24 -1.74
CA VAL A 194 0.78 -15.38 -2.58
C VAL A 194 0.45 -14.08 -3.29
N MET A 195 0.77 -12.95 -2.64
CA MET A 195 0.63 -11.63 -3.25
C MET A 195 1.52 -11.45 -4.47
N LEU A 196 2.78 -11.89 -4.34
CA LEU A 196 3.73 -11.81 -5.45
C LEU A 196 3.36 -12.79 -6.54
N ASP A 197 2.93 -13.98 -6.14
CA ASP A 197 2.52 -15.01 -7.08
C ASP A 197 1.32 -14.49 -7.88
N THR A 198 0.36 -13.94 -7.14
CA THR A 198 -0.82 -13.37 -7.72
C THR A 198 -0.46 -12.29 -8.72
N SER A 199 0.32 -11.30 -8.28
CA SER A 199 0.75 -10.17 -9.13
C SER A 199 1.47 -10.64 -10.38
N ASN A 200 2.42 -11.56 -10.22
CA ASN A 200 3.15 -12.11 -11.34
C ASN A 200 2.24 -12.81 -12.36
N THR A 201 1.47 -13.79 -11.92
CA THR A 201 0.63 -14.55 -12.85
C THR A 201 -0.48 -13.71 -13.51
N LEU A 202 -0.67 -12.50 -13.03
CA LEU A 202 -1.66 -11.62 -13.66
C LEU A 202 -1.04 -10.57 -14.57
N PHE A 203 0.03 -9.91 -14.11
CA PHE A 203 0.60 -8.75 -14.79
C PHE A 203 1.85 -9.01 -15.62
N LEU A 204 2.46 -10.18 -15.48
CA LEU A 204 3.76 -10.44 -16.11
C LEU A 204 3.92 -11.88 -16.60
N ARG A 205 3.38 -12.80 -15.82
CA ARG A 205 3.55 -14.25 -15.98
C ARG A 205 4.86 -14.72 -16.61
N ILE A 206 5.90 -14.72 -15.77
CA ILE A 206 7.20 -15.31 -16.05
C ILE A 206 7.55 -16.08 -14.78
N PRO A 207 8.00 -17.35 -14.90
CA PRO A 207 8.44 -18.10 -13.71
C PRO A 207 9.56 -17.38 -12.94
N LEU A 208 9.42 -17.32 -11.62
CA LEU A 208 10.38 -16.62 -10.77
C LEU A 208 10.62 -17.34 -9.45
N ASP A 209 11.70 -16.99 -8.75
CA ASP A 209 11.97 -17.55 -7.43
C ASP A 209 11.13 -16.81 -6.39
N GLU A 210 9.95 -17.36 -6.11
CA GLU A 210 9.01 -16.72 -5.20
C GLU A 210 9.67 -16.25 -3.90
N SER A 211 10.13 -17.22 -3.10
CA SER A 211 10.76 -16.96 -1.80
C SER A 211 11.83 -15.89 -1.85
N ALA A 212 12.71 -15.98 -2.86
CA ALA A 212 13.84 -15.08 -3.00
C ALA A 212 13.40 -13.64 -3.27
N ILE A 213 12.57 -13.47 -4.30
CA ILE A 213 12.07 -12.14 -4.71
C ILE A 213 11.32 -11.43 -3.58
N VAL A 214 10.55 -12.17 -2.79
CA VAL A 214 9.85 -11.59 -1.65
C VAL A 214 10.81 -10.89 -0.69
N VAL A 215 11.95 -11.49 -0.41
CA VAL A 215 12.91 -10.91 0.54
C VAL A 215 13.56 -9.66 -0.05
N LYS A 216 13.84 -9.73 -1.34
CA LYS A 216 14.44 -8.61 -2.07
C LYS A 216 13.47 -7.44 -2.15
N ILE A 217 12.20 -7.74 -2.41
CA ILE A 217 11.11 -6.75 -2.43
C ILE A 217 11.08 -5.99 -1.12
N GLN A 218 11.31 -6.70 -0.02
CA GLN A 218 11.29 -6.06 1.27
C GLN A 218 12.51 -5.18 1.50
N GLY A 219 13.63 -5.58 0.91
CA GLY A 219 14.85 -4.78 0.91
C GLY A 219 14.55 -3.48 0.21
N TYR A 220 13.95 -3.60 -0.97
CA TYR A 220 13.53 -2.43 -1.75
C TYR A 220 12.63 -1.52 -0.92
N PHE A 221 11.58 -2.08 -0.33
CA PHE A 221 10.69 -1.25 0.46
C PHE A 221 11.46 -0.50 1.52
N ASP A 222 12.26 -1.22 2.31
CA ASP A 222 12.97 -0.58 3.42
C ASP A 222 13.82 0.57 2.91
N ALA A 223 14.52 0.32 1.80
CA ALA A 223 15.41 1.30 1.20
C ALA A 223 14.63 2.56 0.81
N TRP A 224 13.54 2.35 0.07
CA TRP A 224 12.58 3.38 -0.30
C TRP A 224 12.15 4.17 0.92
N GLN A 225 11.75 3.46 1.96
CA GLN A 225 11.27 4.08 3.18
C GLN A 225 12.34 4.89 3.91
N ALA A 226 13.59 4.47 3.74
CA ALA A 226 14.72 5.09 4.43
C ALA A 226 15.11 6.41 3.78
N LEU A 227 15.36 6.36 2.48
CA LEU A 227 15.90 7.50 1.75
C LEU A 227 14.86 8.54 1.33
N LEU A 228 13.59 8.31 1.65
CA LEU A 228 12.52 9.13 1.08
C LEU A 228 12.61 10.59 1.49
N ILE A 229 13.00 10.83 2.75
CA ILE A 229 13.11 12.21 3.23
C ILE A 229 14.44 12.55 3.91
N LYS A 230 15.48 11.76 3.61
CA LYS A 230 16.83 12.03 4.11
C LYS A 230 17.40 13.25 3.41
N PRO A 231 17.87 14.25 4.21
CA PRO A 231 18.43 15.51 3.70
C PRO A 231 19.69 15.27 2.87
N ASP A 232 19.95 16.17 1.94
CA ASP A 232 20.98 15.96 0.92
C ASP A 232 22.37 15.64 1.51
N ILE A 233 22.67 16.30 2.64
CA ILE A 233 23.89 16.05 3.43
C ILE A 233 24.17 14.56 3.63
N PHE A 234 23.10 13.80 3.91
CA PHE A 234 23.13 12.34 4.15
C PHE A 234 23.76 11.56 2.98
N PHE A 235 23.56 12.05 1.77
CA PHE A 235 24.01 11.33 0.58
C PHE A 235 25.48 11.58 0.24
N LYS A 236 26.04 12.66 0.80
CA LYS A 236 27.47 12.98 0.67
C LYS A 236 28.34 11.90 1.35
N ILE A 237 27.95 11.48 2.56
CA ILE A 237 28.73 10.48 3.31
C ILE A 237 28.34 9.03 2.97
N SER A 238 28.98 8.52 1.92
CA SER A 238 28.53 7.32 1.20
C SER A 238 28.42 5.99 1.98
N TRP A 239 29.33 5.74 2.91
CA TRP A 239 29.26 4.47 3.68
C TRP A 239 28.05 4.40 4.61
N LEU A 240 27.26 5.47 4.66
CA LEU A 240 26.06 5.53 5.49
C LEU A 240 24.82 5.02 4.75
N TYR A 241 24.74 5.29 3.45
CA TYR A 241 23.57 4.92 2.66
C TYR A 241 23.78 3.75 1.70
N LYS A 242 25.04 3.48 1.35
CA LYS A 242 25.34 2.46 0.32
C LYS A 242 24.85 1.06 0.73
N LYS A 243 24.50 0.92 2.00
CA LYS A 243 23.78 -0.25 2.48
C LYS A 243 22.54 -0.47 1.61
N TYR A 244 21.73 0.57 1.50
CA TYR A 244 20.44 0.54 0.80
C TYR A 244 20.60 0.42 -0.71
N GLU A 245 21.54 1.18 -1.25
CA GLU A 245 21.94 1.10 -2.66
C GLU A 245 22.05 -0.34 -3.17
N LYS A 246 22.34 -1.26 -2.25
CA LYS A 246 22.60 -2.66 -2.59
C LYS A 246 21.33 -3.52 -2.63
N SER A 247 20.34 -3.20 -1.79
CA SER A 247 19.03 -3.88 -1.81
C SER A 247 18.24 -3.53 -3.07
N VAL A 248 18.39 -2.27 -3.52
CA VAL A 248 17.78 -1.78 -4.73
C VAL A 248 18.34 -2.54 -5.94
N LYS A 249 19.66 -2.59 -6.03
CA LYS A 249 20.32 -3.34 -7.09
C LYS A 249 19.89 -4.80 -7.06
N ASP A 250 19.86 -5.39 -5.86
CA ASP A 250 19.43 -6.79 -5.66
C ASP A 250 18.07 -7.11 -6.28
N LEU A 251 17.14 -6.18 -6.19
CA LEU A 251 15.81 -6.36 -6.76
C LEU A 251 15.77 -6.00 -8.23
N LYS A 252 16.30 -4.83 -8.58
CA LYS A 252 16.33 -4.39 -9.97
C LYS A 252 17.03 -5.42 -10.86
N ASP A 253 18.16 -5.94 -10.40
CA ASP A 253 18.92 -6.93 -11.17
C ASP A 253 18.16 -8.24 -11.28
N ALA A 254 17.41 -8.57 -10.23
CA ALA A 254 16.60 -9.77 -10.20
C ALA A 254 15.43 -9.67 -11.17
N ILE A 255 14.97 -8.45 -11.40
CA ILE A 255 13.82 -8.20 -12.26
C ILE A 255 14.23 -8.04 -13.73
N GLU A 256 15.39 -7.43 -13.98
CA GLU A 256 15.89 -7.26 -15.35
C GLU A 256 15.96 -8.63 -16.04
N VAL A 257 16.33 -9.65 -15.25
CA VAL A 257 16.37 -11.05 -15.70
C VAL A 257 15.00 -11.50 -16.21
N LEU A 258 13.96 -11.15 -15.44
CA LEU A 258 12.60 -11.51 -15.77
C LEU A 258 12.09 -10.77 -17.00
N ILE A 259 12.30 -9.45 -17.05
CA ILE A 259 11.84 -8.66 -18.21
C ILE A 259 12.63 -9.04 -19.47
N ALA A 260 13.86 -9.51 -19.29
CA ALA A 260 14.69 -9.95 -20.42
C ALA A 260 14.02 -11.12 -21.13
N GLU A 261 13.44 -12.04 -20.34
CA GLU A 261 12.72 -13.20 -20.87
C GLU A 261 11.39 -12.80 -21.49
N LYS A 262 10.63 -11.95 -20.79
CA LYS A 262 9.36 -11.45 -21.31
C LYS A 262 9.56 -10.76 -22.65
N ARG A 263 10.71 -10.11 -22.83
CA ARG A 263 11.07 -9.49 -24.11
C ARG A 263 11.25 -10.50 -25.24
N ARG A 264 11.94 -11.60 -24.94
CA ARG A 264 12.08 -12.72 -25.89
C ARG A 264 10.73 -13.31 -26.30
N ARG A 265 9.98 -13.81 -25.32
CA ARG A 265 8.70 -14.47 -25.59
C ARG A 265 7.73 -13.61 -26.39
N ILE A 266 7.89 -12.30 -26.30
CA ILE A 266 7.11 -11.37 -27.09
C ILE A 266 7.63 -11.31 -28.53
N SER A 267 8.95 -11.14 -28.68
CA SER A 267 9.57 -11.01 -30.00
C SER A 267 9.53 -12.30 -30.84
N THR A 268 9.18 -13.42 -30.21
CA THR A 268 8.80 -14.64 -30.94
C THR A 268 7.27 -14.70 -31.01
N GLU A 269 6.64 -15.73 -30.43
CA GLU A 269 5.17 -15.78 -30.28
C GLU A 269 4.36 -15.92 -31.59
N GLU A 270 3.23 -16.63 -31.51
CA GLU A 270 2.29 -16.74 -32.65
C GLU A 270 1.21 -15.62 -32.63
N LYS A 271 0.11 -15.88 -31.91
CA LYS A 271 -1.02 -14.95 -31.83
C LYS A 271 -0.86 -13.95 -30.68
N LEU A 272 -0.21 -12.83 -30.99
CA LEU A 272 0.09 -11.78 -30.02
C LEU A 272 -1.17 -11.08 -29.48
N GLU A 273 -2.23 -11.05 -30.31
CA GLU A 273 -3.51 -10.40 -29.98
C GLU A 273 -4.23 -11.15 -28.86
N GLU A 274 -4.00 -12.46 -28.81
CA GLU A 274 -4.65 -13.39 -27.90
C GLU A 274 -4.43 -13.05 -26.42
N CYS A 275 -3.22 -12.62 -26.08
CA CYS A 275 -2.74 -12.66 -24.69
C CYS A 275 -2.05 -11.38 -24.19
N MET A 276 -2.82 -10.28 -24.11
CA MET A 276 -2.27 -9.00 -23.65
C MET A 276 -2.29 -8.86 -22.13
N ASP A 277 -1.16 -8.43 -21.57
CA ASP A 277 -1.04 -8.19 -20.14
C ASP A 277 -0.21 -6.94 -19.88
N PHE A 278 -0.21 -6.47 -18.63
CA PHE A 278 0.48 -5.24 -18.24
C PHE A 278 1.87 -5.08 -18.83
N ALA A 279 2.74 -6.06 -18.61
CA ALA A 279 4.11 -6.02 -19.11
C ALA A 279 4.19 -5.91 -20.63
N THR A 280 3.36 -6.69 -21.33
CA THR A 280 3.33 -6.65 -22.78
C THR A 280 2.92 -5.26 -23.25
N GLU A 281 1.79 -4.76 -22.76
CA GLU A 281 1.27 -3.43 -23.10
C GLU A 281 2.38 -2.39 -23.10
N LEU A 282 3.12 -2.35 -22.00
CA LEU A 282 4.23 -1.42 -21.82
C LEU A 282 5.31 -1.62 -22.88
N ILE A 283 5.78 -2.87 -23.01
CA ILE A 283 6.85 -3.20 -23.94
C ILE A 283 6.53 -2.80 -25.39
N LEU A 284 5.28 -3.01 -25.79
CA LEU A 284 4.83 -2.61 -27.11
C LEU A 284 4.74 -1.09 -27.25
N ALA A 285 4.36 -0.40 -26.18
CA ALA A 285 4.36 1.07 -26.16
C ALA A 285 5.78 1.58 -26.37
N GLU A 286 6.74 0.95 -25.70
CA GLU A 286 8.17 1.26 -25.86
C GLU A 286 8.61 1.00 -27.30
N LYS A 287 8.05 -0.06 -27.88
CA LYS A 287 8.39 -0.52 -29.22
C LYS A 287 7.86 0.43 -30.27
N ARG A 288 6.80 1.17 -29.94
CA ARG A 288 6.44 2.38 -30.66
C ARG A 288 7.46 3.42 -30.19
N GLY A 289 7.02 4.57 -29.74
CA GLY A 289 7.98 5.51 -29.18
C GLY A 289 7.49 6.14 -27.91
N ASP A 290 6.48 5.52 -27.29
CA ASP A 290 5.73 6.14 -26.20
C ASP A 290 6.47 6.13 -24.87
N LEU A 291 7.34 5.14 -24.65
CA LEU A 291 7.98 4.91 -23.36
C LEU A 291 9.48 4.66 -23.47
N THR A 292 10.22 5.01 -22.42
CA THR A 292 11.64 4.67 -22.27
C THR A 292 11.77 3.26 -21.70
N ARG A 293 12.76 2.50 -22.15
CA ARG A 293 13.04 1.18 -21.58
C ARG A 293 13.19 1.23 -20.05
N GLU A 294 13.95 2.22 -19.55
CA GLU A 294 14.13 2.46 -18.10
C GLU A 294 12.81 2.60 -17.36
N ASN A 295 11.87 3.30 -17.97
CA ASN A 295 10.58 3.59 -17.37
C ASN A 295 9.72 2.34 -17.32
N VAL A 296 9.62 1.68 -18.47
CA VAL A 296 8.97 0.38 -18.58
C VAL A 296 9.47 -0.47 -17.43
N ASN A 297 10.78 -0.64 -17.35
CA ASN A 297 11.41 -1.44 -16.33
C ASN A 297 10.99 -1.06 -14.92
N GLN A 298 10.86 0.24 -14.64
CA GLN A 298 10.45 0.67 -13.31
C GLN A 298 9.00 0.34 -13.03
N CYS A 299 8.15 0.45 -14.06
CA CYS A 299 6.71 0.21 -13.90
C CYS A 299 6.42 -1.23 -13.57
N ILE A 300 7.09 -2.14 -14.27
CA ILE A 300 6.94 -3.56 -14.00
C ILE A 300 7.34 -3.85 -12.56
N LEU A 301 8.48 -3.29 -12.14
CA LEU A 301 8.91 -3.40 -10.75
C LEU A 301 7.86 -2.84 -9.82
N GLU A 302 7.38 -1.63 -10.11
CA GLU A 302 6.38 -0.98 -9.28
C GLU A 302 5.06 -1.75 -9.19
N MET A 303 4.72 -2.52 -10.22
CA MET A 303 3.49 -3.28 -10.20
C MET A 303 3.63 -4.53 -9.34
N LEU A 304 4.75 -5.21 -9.49
CA LEU A 304 5.05 -6.41 -8.71
C LEU A 304 5.15 -6.18 -7.20
N ILE A 305 5.80 -5.09 -6.78
CA ILE A 305 5.96 -4.84 -5.35
C ILE A 305 4.68 -4.39 -4.65
N ALA A 306 3.81 -3.70 -5.39
CA ALA A 306 2.66 -2.97 -4.82
C ALA A 306 1.76 -3.81 -3.93
N ALA A 307 1.36 -4.97 -4.45
CA ALA A 307 0.51 -5.89 -3.70
C ALA A 307 1.19 -6.44 -2.41
N PRO A 308 2.39 -7.06 -2.53
CA PRO A 308 3.14 -7.51 -1.36
C PRO A 308 3.44 -6.40 -0.33
N ASP A 309 3.62 -5.18 -0.79
CA ASP A 309 3.91 -4.07 0.11
C ASP A 309 2.74 -3.69 1.02
N THR A 310 1.53 -4.12 0.69
CA THR A 310 0.34 -3.52 1.29
C THR A 310 -0.76 -4.51 1.65
N MET A 311 -1.08 -5.41 0.72
CA MET A 311 -2.13 -6.40 0.94
C MET A 311 -1.76 -7.27 2.10
N SER A 312 -0.56 -7.85 2.02
CA SER A 312 -0.04 -8.75 3.04
C SER A 312 -0.13 -8.11 4.43
N VAL A 313 0.44 -6.93 4.62
CA VAL A 313 0.35 -6.25 5.91
C VAL A 313 -1.11 -6.02 6.33
N SER A 314 -1.94 -5.61 5.38
CA SER A 314 -3.36 -5.33 5.64
C SER A 314 -4.13 -6.58 6.04
N LEU A 315 -3.90 -7.67 5.32
CA LEU A 315 -4.58 -8.92 5.63
C LEU A 315 -4.03 -9.49 6.93
N PHE A 316 -2.74 -9.27 7.18
CA PHE A 316 -2.19 -9.64 8.46
C PHE A 316 -2.96 -8.97 9.60
N PHE A 317 -3.07 -7.64 9.57
CA PHE A 317 -3.86 -6.92 10.57
C PHE A 317 -5.32 -7.36 10.60
N MET A 318 -5.85 -7.72 9.44
CA MET A 318 -7.20 -8.24 9.35
C MET A 318 -7.33 -9.60 10.03
N LEU A 319 -6.34 -10.47 9.82
CA LEU A 319 -6.35 -11.80 10.40
C LEU A 319 -6.30 -11.78 11.94
N PHE A 320 -5.47 -10.91 12.51
CA PHE A 320 -5.43 -10.71 13.95
C PHE A 320 -6.74 -10.17 14.48
N LEU A 321 -7.35 -9.26 13.73
CA LEU A 321 -8.61 -8.69 14.13
C LEU A 321 -9.69 -9.77 14.19
N ILE A 322 -9.69 -10.67 13.22
CA ILE A 322 -10.64 -11.76 13.23
C ILE A 322 -10.44 -12.64 14.47
N ALA A 323 -9.21 -13.05 14.73
CA ALA A 323 -8.93 -13.93 15.87
C ALA A 323 -9.49 -13.36 17.17
N LYS A 324 -9.22 -12.10 17.46
CA LYS A 324 -9.70 -11.48 18.69
C LYS A 324 -11.14 -10.95 18.64
N HIS A 325 -11.86 -11.22 17.55
CA HIS A 325 -13.26 -10.81 17.45
C HIS A 325 -14.14 -11.95 16.94
N PRO A 326 -14.49 -12.91 17.85
CA PRO A 326 -15.19 -14.16 17.50
C PRO A 326 -16.62 -13.94 17.01
N ASN A 327 -17.26 -12.91 17.57
CA ASN A 327 -18.59 -12.44 17.18
C ASN A 327 -18.66 -12.16 15.67
N VAL A 328 -17.71 -11.36 15.20
CA VAL A 328 -17.61 -10.94 13.80
C VAL A 328 -17.32 -12.12 12.88
N GLU A 329 -16.41 -12.99 13.29
CA GLU A 329 -15.97 -14.09 12.42
C GLU A 329 -17.07 -15.11 12.12
N GLU A 330 -18.07 -15.18 13.01
CA GLU A 330 -19.22 -16.06 12.79
C GLU A 330 -20.11 -15.53 11.69
N ALA A 331 -20.36 -14.21 11.71
CA ALA A 331 -21.14 -13.53 10.69
C ALA A 331 -20.55 -13.75 9.30
N ILE A 332 -19.21 -13.71 9.22
CA ILE A 332 -18.47 -13.89 7.97
C ILE A 332 -18.59 -15.32 7.41
N ILE A 333 -18.56 -16.32 8.30
CA ILE A 333 -18.70 -17.71 7.87
C ILE A 333 -20.12 -18.01 7.38
N LYS A 334 -21.12 -17.44 8.06
CA LYS A 334 -22.52 -17.57 7.64
C LYS A 334 -22.69 -17.02 6.24
N GLU A 335 -22.24 -15.79 6.04
CA GLU A 335 -22.29 -15.14 4.74
C GLU A 335 -21.67 -16.03 3.67
N ILE A 336 -20.53 -16.63 3.96
CA ILE A 336 -19.88 -17.53 3.03
C ILE A 336 -20.75 -18.77 2.74
N GLN A 337 -21.29 -19.39 3.80
CA GLN A 337 -22.22 -20.52 3.65
C GLN A 337 -23.42 -20.17 2.80
N THR A 338 -24.05 -19.04 3.11
CA THR A 338 -25.19 -18.51 2.36
C THR A 338 -24.84 -18.24 0.88
N VAL A 339 -23.79 -17.46 0.65
CA VAL A 339 -23.47 -16.96 -0.67
C VAL A 339 -22.73 -17.99 -1.53
N ILE A 340 -21.81 -18.74 -0.94
CA ILE A 340 -20.87 -19.55 -1.71
C ILE A 340 -20.98 -21.07 -1.52
N GLY A 341 -21.25 -21.51 -0.28
CA GLY A 341 -21.29 -22.93 0.05
C GLY A 341 -19.95 -23.60 -0.26
N GLU A 342 -19.99 -24.70 -0.99
CA GLU A 342 -18.76 -25.39 -1.40
C GLU A 342 -18.49 -25.22 -2.89
N ARG A 343 -18.76 -24.01 -3.39
CA ARG A 343 -18.53 -23.68 -4.78
C ARG A 343 -17.28 -22.80 -4.89
N ASP A 344 -16.56 -22.92 -6.01
CA ASP A 344 -15.42 -22.05 -6.31
C ASP A 344 -15.82 -20.58 -6.39
N ILE A 345 -15.13 -19.72 -5.64
CA ILE A 345 -15.39 -18.28 -5.60
C ILE A 345 -15.29 -17.66 -7.01
N LYS A 346 -16.32 -16.89 -7.37
CA LYS A 346 -16.41 -16.27 -8.69
C LYS A 346 -16.72 -14.78 -8.58
N ILE A 347 -16.48 -14.03 -9.66
CA ILE A 347 -16.66 -12.57 -9.67
C ILE A 347 -18.03 -12.10 -9.16
N ASP A 348 -19.08 -12.81 -9.54
CA ASP A 348 -20.47 -12.44 -9.22
C ASP A 348 -20.77 -12.54 -7.72
N ASP A 349 -19.85 -13.16 -6.98
CA ASP A 349 -20.02 -13.35 -5.54
C ASP A 349 -19.63 -12.11 -4.72
N ILE A 350 -18.69 -11.31 -5.22
CA ILE A 350 -18.04 -10.31 -4.37
C ILE A 350 -18.96 -9.20 -3.86
N GLN A 351 -19.97 -8.82 -4.65
CA GLN A 351 -20.93 -7.82 -4.19
C GLN A 351 -21.75 -8.31 -3.01
N LYS A 352 -22.09 -9.60 -3.06
CA LYS A 352 -22.92 -10.25 -2.05
C LYS A 352 -22.25 -10.38 -0.68
N LEU A 353 -20.93 -10.49 -0.67
CA LEU A 353 -20.17 -10.55 0.58
C LEU A 353 -20.19 -9.20 1.28
N LYS A 354 -21.35 -8.86 1.83
CA LYS A 354 -21.61 -7.54 2.38
C LYS A 354 -20.96 -7.36 3.75
N VAL A 355 -21.11 -8.34 4.62
CA VAL A 355 -20.53 -8.31 5.97
C VAL A 355 -19.01 -8.18 5.88
N MET A 356 -18.40 -9.06 5.10
CA MET A 356 -16.97 -9.05 4.87
C MET A 356 -16.48 -7.69 4.39
N GLU A 357 -17.11 -7.19 3.32
CA GLU A 357 -16.83 -5.85 2.79
C GLU A 357 -16.71 -4.85 3.94
N ASN A 358 -17.70 -4.85 4.82
CA ASN A 358 -17.70 -3.93 5.96
C ASN A 358 -16.56 -4.19 6.92
N PHE A 359 -16.23 -5.47 7.12
CA PHE A 359 -15.10 -5.88 7.95
C PHE A 359 -13.78 -5.31 7.42
N ILE A 360 -13.54 -5.51 6.12
CA ILE A 360 -12.37 -4.97 5.46
C ILE A 360 -12.28 -3.45 5.63
N TYR A 361 -13.40 -2.74 5.44
CA TYR A 361 -13.41 -1.30 5.64
C TYR A 361 -13.12 -0.91 7.08
N GLU A 362 -13.78 -1.57 8.03
CA GLU A 362 -13.59 -1.25 9.44
C GLU A 362 -12.17 -1.57 9.90
N SER A 363 -11.60 -2.65 9.37
CA SER A 363 -10.21 -3.00 9.64
C SER A 363 -9.24 -1.94 9.14
N MET A 364 -9.43 -1.48 7.91
CA MET A 364 -8.59 -0.43 7.34
C MET A 364 -8.83 0.92 8.01
N ARG A 365 -10.05 1.14 8.47
CA ARG A 365 -10.35 2.37 9.19
C ARG A 365 -9.61 2.35 10.50
N TYR A 366 -9.84 1.29 11.29
CA TYR A 366 -9.32 1.16 12.66
C TYR A 366 -7.82 0.84 12.74
N GLN A 367 -7.38 -0.20 12.02
CA GLN A 367 -5.96 -0.53 11.91
C GLN A 367 -5.42 -0.31 10.47
N PRO A 368 -5.13 0.96 10.12
CA PRO A 368 -4.67 1.20 8.77
C PRO A 368 -3.24 0.74 8.57
N VAL A 369 -2.86 0.50 7.32
CA VAL A 369 -1.47 0.25 6.96
C VAL A 369 -0.96 1.51 6.28
N VAL A 370 -1.69 2.00 5.28
CA VAL A 370 -1.37 3.27 4.66
C VAL A 370 -2.19 4.37 5.32
N ASP A 371 -1.62 4.94 6.37
CA ASP A 371 -2.35 5.94 7.13
C ASP A 371 -2.03 7.38 6.67
N LEU A 372 -1.14 7.54 5.70
CA LEU A 372 -0.89 8.88 5.18
C LEU A 372 -0.50 8.95 3.71
N VAL A 373 -0.86 10.08 3.10
CA VAL A 373 -0.73 10.31 1.67
C VAL A 373 0.08 11.57 1.44
N MET A 374 1.10 11.50 0.59
CA MET A 374 1.95 12.65 0.30
C MET A 374 1.62 13.28 -1.04
N ARG A 375 1.37 14.58 -1.01
CA ARG A 375 1.03 15.36 -2.20
C ARG A 375 1.84 16.66 -2.24
N LYS A 376 1.84 17.30 -3.41
CA LYS A 376 2.48 18.60 -3.60
C LYS A 376 1.50 19.53 -4.30
N ALA A 377 1.55 20.82 -3.97
CA ALA A 377 0.69 21.79 -4.62
C ALA A 377 1.35 22.28 -5.90
N LEU A 378 0.64 22.13 -7.02
CA LEU A 378 1.18 22.53 -8.32
C LEU A 378 0.75 23.95 -8.74
N GLU A 379 -0.42 24.38 -8.26
CA GLU A 379 -0.87 25.77 -8.41
C GLU A 379 -1.13 26.40 -7.04
N ASP A 380 -1.07 27.73 -6.96
CA ASP A 380 -1.49 28.46 -5.76
C ASP A 380 -2.98 28.22 -5.55
N ASP A 381 -3.40 28.21 -4.28
CA ASP A 381 -4.82 28.07 -3.96
C ASP A 381 -5.09 28.46 -2.51
N VAL A 382 -6.35 28.75 -2.21
CA VAL A 382 -6.81 28.86 -0.83
C VAL A 382 -7.55 27.57 -0.48
N ILE A 383 -7.08 26.92 0.58
CA ILE A 383 -7.62 25.63 0.99
C ILE A 383 -8.21 25.76 2.41
N ASP A 384 -9.50 25.47 2.53
CA ASP A 384 -10.31 25.87 3.69
C ASP A 384 -10.20 27.36 4.00
N GLY A 385 -9.36 27.73 4.97
CA GLY A 385 -9.15 29.13 5.26
C GLY A 385 -7.80 29.64 4.75
N TYR A 386 -6.90 28.72 4.47
CA TYR A 386 -5.47 29.03 4.41
C TYR A 386 -4.92 29.18 2.99
N PRO A 387 -3.98 30.13 2.81
CA PRO A 387 -3.21 30.25 1.57
C PRO A 387 -2.25 29.07 1.40
N VAL A 388 -2.25 28.46 0.21
CA VAL A 388 -1.36 27.35 -0.08
C VAL A 388 -0.60 27.65 -1.37
N LYS A 389 0.68 27.97 -1.23
CA LYS A 389 1.51 28.36 -2.35
C LYS A 389 1.94 27.13 -3.14
N LYS A 390 2.10 27.26 -4.45
CA LYS A 390 2.59 26.15 -5.26
C LYS A 390 4.03 25.80 -4.83
N GLY A 391 4.30 24.50 -4.78
CA GLY A 391 5.59 24.01 -4.27
C GLY A 391 5.51 23.56 -2.82
N THR A 392 4.34 23.77 -2.21
CA THR A 392 4.11 23.36 -0.82
C THR A 392 3.82 21.86 -0.75
N ASN A 393 4.57 21.16 0.11
CA ASN A 393 4.34 19.74 0.31
C ASN A 393 3.14 19.55 1.23
N ILE A 394 2.42 18.45 1.03
CA ILE A 394 1.23 18.13 1.82
C ILE A 394 1.29 16.69 2.29
N ILE A 395 1.02 16.47 3.57
CA ILE A 395 0.80 15.13 4.07
C ILE A 395 -0.62 15.07 4.60
N LEU A 396 -1.45 14.26 3.95
CA LEU A 396 -2.80 14.02 4.42
C LEU A 396 -2.82 12.87 5.41
N ASN A 397 -3.19 13.18 6.64
CA ASN A 397 -3.16 12.23 7.73
C ASN A 397 -4.48 11.48 7.83
N ILE A 398 -4.74 10.60 6.86
CA ILE A 398 -6.06 9.98 6.74
C ILE A 398 -6.39 9.05 7.91
N GLY A 399 -5.36 8.55 8.58
CA GLY A 399 -5.54 7.66 9.73
C GLY A 399 -6.13 8.36 10.94
N ARG A 400 -5.61 9.55 11.22
CA ARG A 400 -6.11 10.42 12.28
C ARG A 400 -7.52 10.91 11.95
N MET A 401 -7.71 11.28 10.68
CA MET A 401 -8.98 11.70 10.14
C MET A 401 -10.10 10.69 10.38
N HIS A 402 -9.78 9.40 10.29
CA HIS A 402 -10.78 8.35 10.49
C HIS A 402 -11.11 8.11 11.95
N ARG A 403 -10.67 9.01 12.81
CA ARG A 403 -10.93 8.93 14.23
C ARG A 403 -11.49 10.23 14.79
N LEU A 404 -11.29 11.32 14.07
CA LEU A 404 -11.75 12.64 14.51
C LEU A 404 -13.07 13.06 13.88
N GLU A 405 -13.55 12.31 12.89
CA GLU A 405 -14.66 12.76 12.06
C GLU A 405 -15.64 11.63 11.71
N PHE A 406 -16.87 12.03 11.35
CA PHE A 406 -17.97 11.14 10.94
C PHE A 406 -18.36 9.97 11.86
N PHE A 407 -17.43 9.04 12.07
CA PHE A 407 -17.78 7.74 12.65
C PHE A 407 -18.36 7.81 14.05
N PRO A 408 -19.35 6.95 14.34
CA PRO A 408 -20.01 6.90 15.64
C PRO A 408 -19.06 6.48 16.77
N LYS A 409 -18.44 5.30 16.64
CA LYS A 409 -17.50 4.80 17.64
C LYS A 409 -16.09 4.69 17.05
N PRO A 410 -15.40 5.84 16.93
CA PRO A 410 -14.14 5.89 16.19
C PRO A 410 -13.02 5.04 16.82
N ASN A 411 -12.90 5.09 18.14
CA ASN A 411 -11.74 4.54 18.82
C ASN A 411 -11.83 3.10 19.28
N GLU A 412 -12.94 2.45 18.92
CA GLU A 412 -13.05 1.01 19.07
C GLU A 412 -13.38 0.36 17.73
N PHE A 413 -12.91 -0.86 17.53
CA PHE A 413 -13.18 -1.61 16.32
C PHE A 413 -14.57 -2.22 16.39
N THR A 414 -15.51 -1.70 15.61
CA THR A 414 -16.87 -2.26 15.53
C THR A 414 -17.41 -2.20 14.12
N LEU A 415 -18.12 -3.26 13.71
CA LEU A 415 -18.83 -3.23 12.43
C LEU A 415 -20.05 -2.30 12.45
N GLU A 416 -20.21 -1.60 13.57
CA GLU A 416 -21.28 -0.62 13.70
C GLU A 416 -20.90 0.72 13.07
N ASN A 417 -19.60 0.96 12.91
CA ASN A 417 -19.16 2.16 12.24
C ASN A 417 -19.55 2.14 10.77
N PHE A 418 -19.93 0.97 10.30
CA PHE A 418 -20.30 0.77 8.91
C PHE A 418 -21.67 0.11 8.79
N ALA A 419 -22.55 0.37 9.75
CA ALA A 419 -23.92 -0.12 9.68
C ALA A 419 -24.80 0.79 8.82
N LYS A 420 -24.42 2.06 8.71
CA LYS A 420 -25.09 3.00 7.81
C LYS A 420 -24.12 3.55 6.76
N ASN A 421 -24.39 3.23 5.49
CA ASN A 421 -23.72 3.79 4.31
C ASN A 421 -22.81 5.00 4.55
N VAL A 422 -21.51 4.83 4.31
CA VAL A 422 -20.52 5.89 4.58
C VAL A 422 -20.16 6.76 3.37
N PRO A 423 -20.42 8.07 3.48
CA PRO A 423 -20.03 9.06 2.49
C PRO A 423 -18.54 8.97 2.14
N TYR A 424 -18.25 8.72 0.86
CA TYR A 424 -16.86 8.56 0.42
C TYR A 424 -16.02 9.81 0.65
N ARG A 425 -16.63 10.83 1.25
CA ARG A 425 -15.92 12.05 1.55
C ARG A 425 -15.51 12.16 3.01
N TYR A 426 -15.90 11.17 3.82
CA TYR A 426 -15.46 11.09 5.21
C TYR A 426 -14.56 9.89 5.46
N PHE A 427 -14.50 8.99 4.48
CA PHE A 427 -13.71 7.78 4.60
C PHE A 427 -12.96 7.54 3.30
N GLN A 428 -11.65 7.81 3.35
CA GLN A 428 -10.78 7.60 2.21
C GLN A 428 -9.60 6.66 2.47
N PRO A 429 -9.84 5.33 2.50
CA PRO A 429 -8.77 4.37 2.72
C PRO A 429 -7.81 4.22 1.53
N PHE A 430 -8.30 4.50 0.31
CA PHE A 430 -7.46 4.39 -0.88
C PHE A 430 -7.19 5.76 -1.49
N GLY A 431 -7.94 6.77 -1.08
CA GLY A 431 -7.96 8.04 -1.79
C GLY A 431 -8.81 7.92 -3.04
N PHE A 432 -9.10 9.05 -3.68
CA PHE A 432 -9.89 9.08 -4.92
C PHE A 432 -9.34 10.20 -5.80
N GLY A 433 -9.98 10.43 -6.95
CA GLY A 433 -9.59 11.55 -7.79
C GLY A 433 -8.51 11.16 -8.77
N PRO A 434 -7.91 12.15 -9.44
CA PRO A 434 -7.00 11.89 -10.56
C PRO A 434 -5.75 11.10 -10.18
N ARG A 435 -5.39 11.13 -8.90
CA ARG A 435 -4.22 10.38 -8.40
C ARG A 435 -4.52 9.49 -7.18
N GLY A 436 -5.77 9.04 -7.04
CA GLY A 436 -6.11 8.09 -5.98
C GLY A 436 -5.50 6.75 -6.29
N CYS A 437 -5.59 5.81 -5.34
CA CYS A 437 -5.03 4.47 -5.52
C CYS A 437 -5.48 3.86 -6.84
N ALA A 438 -4.52 3.42 -7.64
CA ALA A 438 -4.81 2.79 -8.93
C ALA A 438 -5.39 1.39 -8.75
N GLY A 439 -5.16 0.81 -7.59
CA GLY A 439 -5.60 -0.55 -7.33
C GLY A 439 -6.87 -0.60 -6.51
N LYS A 440 -7.38 0.57 -6.14
CA LYS A 440 -8.47 0.67 -5.16
C LYS A 440 -9.62 -0.31 -5.36
N TYR A 441 -9.92 -0.66 -6.61
CA TYR A 441 -11.01 -1.58 -6.87
C TYR A 441 -10.54 -3.02 -6.82
N ILE A 442 -9.50 -3.35 -7.59
CA ILE A 442 -8.94 -4.70 -7.60
C ILE A 442 -8.49 -5.14 -6.20
N ALA A 443 -8.00 -4.16 -5.42
CA ALA A 443 -7.52 -4.42 -4.06
C ALA A 443 -8.62 -5.12 -3.27
N MET A 444 -9.74 -4.42 -3.11
CA MET A 444 -10.92 -4.96 -2.45
C MET A 444 -11.35 -6.34 -2.96
N VAL A 445 -11.21 -6.58 -4.25
CA VAL A 445 -11.50 -7.89 -4.81
C VAL A 445 -10.55 -8.92 -4.21
N MET A 446 -9.25 -8.65 -4.31
CA MET A 446 -8.22 -9.57 -3.82
C MET A 446 -8.36 -9.88 -2.34
N MET A 447 -8.50 -8.84 -1.53
CA MET A 447 -8.71 -9.03 -0.10
C MET A 447 -9.91 -9.93 0.19
N LYS A 448 -11.05 -9.66 -0.46
CA LYS A 448 -12.25 -10.49 -0.30
C LYS A 448 -11.97 -11.93 -0.68
N ALA A 449 -11.27 -12.12 -1.80
CA ALA A 449 -10.98 -13.44 -2.33
C ALA A 449 -10.11 -14.24 -1.37
N ILE A 450 -8.98 -13.65 -0.94
CA ILE A 450 -8.06 -14.40 -0.09
C ILE A 450 -8.69 -14.68 1.28
N LEU A 451 -9.45 -13.73 1.83
CA LEU A 451 -10.12 -13.96 3.12
C LEU A 451 -11.11 -15.11 3.02
N VAL A 452 -12.00 -15.05 2.03
CA VAL A 452 -12.93 -16.14 1.79
C VAL A 452 -12.17 -17.46 1.70
N THR A 453 -11.19 -17.54 0.80
CA THR A 453 -10.52 -18.81 0.55
C THR A 453 -9.82 -19.38 1.79
N LEU A 454 -9.32 -18.49 2.64
CA LEU A 454 -8.63 -18.87 3.87
C LEU A 454 -9.60 -19.27 4.97
N LEU A 455 -10.46 -18.34 5.38
CA LEU A 455 -11.41 -18.59 6.49
C LEU A 455 -12.36 -19.75 6.18
N ARG A 456 -12.60 -19.97 4.89
CA ARG A 456 -13.30 -21.13 4.39
C ARG A 456 -12.74 -22.40 5.04
N ARG A 457 -11.41 -22.46 5.15
CA ARG A 457 -10.68 -23.70 5.43
C ARG A 457 -10.10 -23.81 6.83
N PHE A 458 -9.69 -22.68 7.43
CA PHE A 458 -9.03 -22.69 8.74
C PHE A 458 -9.59 -21.67 9.73
N HIS A 459 -9.67 -22.07 11.00
N HIS A 459 -9.67 -22.08 11.00
CA HIS A 459 -9.86 -21.12 12.09
CA HIS A 459 -9.83 -21.16 12.11
C HIS A 459 -8.49 -20.55 12.42
C HIS A 459 -8.46 -20.51 12.30
N VAL A 460 -8.43 -19.24 12.72
CA VAL A 460 -7.16 -18.59 13.03
C VAL A 460 -7.03 -18.17 14.50
N LYS A 461 -5.86 -18.46 15.06
CA LYS A 461 -5.57 -18.19 16.45
C LYS A 461 -4.30 -17.38 16.57
N THR A 462 -4.30 -16.46 17.52
CA THR A 462 -3.15 -15.62 17.78
C THR A 462 -2.45 -16.07 19.08
N LEU A 463 -1.11 -16.17 19.04
CA LEU A 463 -0.29 -16.57 20.19
C LEU A 463 -0.42 -15.68 21.41
N GLN A 464 -0.59 -16.28 22.60
CA GLN A 464 -0.76 -15.53 23.86
C GLN A 464 -1.95 -14.57 23.82
N GLY A 465 -1.77 -13.38 24.39
CA GLY A 465 -2.80 -12.35 24.42
C GLY A 465 -2.64 -11.33 23.32
N GLN A 466 -1.91 -11.71 22.28
CA GLN A 466 -1.55 -10.81 21.18
C GLN A 466 -2.73 -10.35 20.33
N CYS A 467 -2.66 -9.10 19.91
CA CYS A 467 -3.68 -8.48 19.07
C CYS A 467 -3.08 -7.25 18.39
N VAL A 468 -3.81 -6.68 17.43
CA VAL A 468 -3.31 -5.50 16.71
C VAL A 468 -2.99 -4.33 17.63
N GLU A 469 -3.75 -4.21 18.72
CA GLU A 469 -3.56 -3.15 19.70
C GLU A 469 -2.26 -3.35 20.50
N SER A 470 -1.87 -4.61 20.68
CA SER A 470 -0.69 -4.96 21.49
C SER A 470 0.52 -5.43 20.68
N ILE A 471 0.45 -5.31 19.36
CA ILE A 471 1.59 -5.59 18.49
C ILE A 471 2.51 -4.37 18.53
N GLN A 472 3.81 -4.58 18.46
CA GLN A 472 4.71 -3.45 18.42
C GLN A 472 4.88 -2.99 16.98
N LYS A 473 4.60 -1.70 16.74
CA LYS A 473 4.52 -1.16 15.37
C LYS A 473 5.58 -0.10 15.05
N ILE A 474 6.12 -0.16 13.83
CA ILE A 474 6.89 0.94 13.24
C ILE A 474 5.91 1.85 12.51
N HIS A 475 6.11 3.15 12.60
CA HIS A 475 5.17 4.09 12.03
C HIS A 475 5.87 5.15 11.19
N ASP A 476 6.50 4.70 10.10
CA ASP A 476 7.29 5.59 9.25
C ASP A 476 6.55 5.92 7.94
N LEU A 477 6.93 5.28 6.83
CA LEU A 477 6.23 5.47 5.57
C LEU A 477 4.85 4.88 5.68
N SER A 478 4.76 3.56 5.92
CA SER A 478 3.49 2.94 6.25
C SER A 478 3.42 2.72 7.76
N LEU A 479 2.38 2.04 8.22
CA LEU A 479 2.22 1.63 9.62
C LEU A 479 2.17 0.11 9.61
N HIS A 480 3.28 -0.52 9.97
CA HIS A 480 3.39 -1.97 9.86
C HIS A 480 4.02 -2.60 11.10
N PRO A 481 4.00 -3.94 11.20
CA PRO A 481 4.56 -4.53 12.40
C PRO A 481 6.08 -4.50 12.36
N ASP A 482 6.69 -4.35 13.53
CA ASP A 482 8.14 -4.43 13.70
C ASP A 482 8.56 -5.89 13.67
N GLU A 483 9.28 -6.27 12.63
CA GLU A 483 9.58 -7.67 12.38
C GLU A 483 10.87 -8.14 13.05
N THR A 484 11.56 -7.21 13.71
CA THR A 484 12.70 -7.54 14.56
C THR A 484 12.21 -8.10 15.89
N LYS A 485 11.02 -7.71 16.33
CA LYS A 485 10.32 -8.41 17.42
C LYS A 485 9.84 -9.77 16.95
N ASN A 486 9.06 -10.44 17.80
CA ASN A 486 8.43 -11.72 17.46
C ASN A 486 7.04 -11.82 18.09
N MET A 487 6.47 -13.03 18.16
CA MET A 487 5.09 -13.25 18.57
C MET A 487 4.09 -12.77 17.49
N LEU A 488 4.59 -12.69 16.26
CA LEU A 488 3.82 -12.27 15.08
C LEU A 488 3.29 -13.46 14.30
N GLU A 489 3.44 -14.66 14.86
CA GLU A 489 2.98 -15.88 14.20
C GLU A 489 1.52 -16.12 14.53
N MET A 490 0.90 -17.04 13.78
CA MET A 490 -0.48 -17.47 14.03
C MET A 490 -0.60 -18.99 13.96
N ILE A 491 -1.71 -19.52 14.46
CA ILE A 491 -1.97 -20.95 14.38
C ILE A 491 -3.19 -21.24 13.52
N PHE A 492 -3.02 -22.09 12.51
CA PHE A 492 -4.09 -22.43 11.56
C PHE A 492 -4.68 -23.79 11.85
N THR A 493 -5.87 -23.79 12.46
CA THR A 493 -6.54 -25.02 12.85
C THR A 493 -7.79 -25.26 11.98
N PRO A 494 -7.87 -26.45 11.31
CA PRO A 494 -8.90 -26.79 10.31
C PRO A 494 -10.37 -26.60 10.71
N ARG A 495 -11.23 -26.56 9.70
CA ARG A 495 -12.67 -26.41 9.86
C ARG A 495 -13.36 -27.61 9.22
N ASN A 496 -14.47 -28.08 9.82
CA ASN A 496 -15.14 -29.35 9.42
C ASN A 496 -14.24 -30.59 9.55
CHA HEM B . -1.52 4.78 -4.32
CHB HEM B . -3.81 2.65 -0.63
CHC HEM B . -3.41 -1.62 -2.84
CHD HEM B . -1.20 0.49 -6.53
C1A HEM B . -2.19 4.57 -3.14
C2A HEM B . -2.59 5.61 -2.22
C3A HEM B . -3.23 5.03 -1.19
C4A HEM B . -3.26 3.60 -1.45
CMA HEM B . -3.83 5.76 0.03
CAA HEM B . -2.33 7.11 -2.40
CBA HEM B . -3.40 7.64 -3.35
CGA HEM B . -3.56 9.14 -3.16
O1A HEM B . -2.53 9.86 -3.31
O2A HEM B . -4.69 9.59 -2.83
C1B HEM B . -3.79 1.31 -0.87
C2B HEM B . -4.07 0.27 0.10
C3B HEM B . -3.96 -0.91 -0.51
C4B HEM B . -3.59 -0.66 -1.89
CMB HEM B . -4.43 0.51 1.58
CAB HEM B . -4.16 -2.34 0.08
CBB HEM B . -5.26 -2.67 0.75
C1C HEM B . -2.80 -1.41 -4.04
C2C HEM B . -2.53 -2.43 -5.03
C3C HEM B . -1.90 -1.82 -6.06
C4C HEM B . -1.78 -0.42 -5.73
CMC HEM B . -2.89 -3.92 -4.89
CAC HEM B . -1.39 -2.44 -7.38
CBC HEM B . -1.38 -3.77 -7.58
C1D HEM B . -1.02 1.82 -6.27
C2D HEM B . -0.25 2.71 -7.11
C3D HEM B . -0.35 4.06 -6.42
C4D HEM B . -1.16 3.84 -5.24
CMD HEM B . 0.49 2.36 -8.41
CAD HEM B . 0.28 5.37 -6.90
CBD HEM B . -0.83 6.07 -7.67
CGD HEM B . -0.28 7.29 -8.36
O1D HEM B . -0.44 7.39 -9.60
O2D HEM B . 0.31 8.16 -7.65
NA HEM B . -2.64 3.37 -2.65
NB HEM B . -3.51 0.70 -2.07
NC HEM B . -2.36 -0.20 -4.50
ND HEM B . -1.53 2.51 -5.20
FE HEM B . -2.54 1.60 -3.58
C EXM C . 2.75 1.12 1.50
C1 EXM C . 1.82 2.24 -3.09
O1 EXM C . 3.99 -0.56 -3.32
C2 EXM C . 2.53 1.17 -3.61
O2 EXM C . 2.02 9.17 -0.45
C3 EXM C . 3.35 0.38 -2.80
C4 EXM C . 3.47 0.66 -1.44
C5 EXM C . 2.76 1.71 -0.88
C6 EXM C . 2.89 2.03 0.57
C7 EXM C . 3.21 3.48 0.90
C8 EXM C . 2.32 4.38 0.07
C9 EXM C . 2.34 4.05 -1.43
C10 EXM C . 1.85 2.61 -1.68
C11 EXM C . 1.60 5.08 -2.30
C12 EXM C . 1.89 6.55 -1.96
C13 EXM C . 1.70 6.78 -0.47
C14 EXM C . 2.66 5.85 0.25
C15 EXM C . 2.81 6.41 1.66
C16 EXM C . 2.83 7.94 1.44
C17 EXM C . 2.16 8.08 0.10
C18 EXM C . 0.24 6.60 -0.07
C19 EXM C . 0.42 2.45 -1.15
#